data_4WH1
#
_entry.id   4WH1
#
_cell.length_a   43.164
_cell.length_b   88.136
_cell.length_c   105.231
_cell.angle_alpha   90.00
_cell.angle_beta   90.00
_cell.angle_gamma   90.00
#
_symmetry.space_group_name_H-M   'P 21 21 21'
#
loop_
_entity.id
_entity.type
_entity.pdbx_description
1 polymer 'N-acetylhexosamine 1-kinase'
2 non-polymer GLYCEROL
3 non-polymer 'ACETIC ACID'
4 water water
#
_entity_poly.entity_id   1
_entity_poly.type   'polypeptide(L)'
_entity_poly.pdbx_seq_one_letter_code
;MTESNEVLFGIASHFALEGAVTGIEPYGDGHINTTYLVTTDGPRYILQQMNTSIFPDTVNLMRNVELVTSTLKAQGKETL
DIVPTTSGATWAEIDGGAWRVYKFIEHTVSYNLVPNPDVFREAGSAFGDFQNFLSEFDASQLTETIAHFHDTPHRFEDFK
AALAADKLGRAAACQPEIDFYLSHADQYAVVMDGLRDGSIPLRVTHNDTKLNNILMDATTGKARAIIDLDTIMPGSMLFD
FGDSIRFGASTALEDEKDLSKVHFSTELFRAYTEGFVGELRGSITAREAELLPFSGNLLTMECGMRFLADYLEGDIYFAT
KYPEHNLVRTRTQIKLVQEMEQKASETRAIVADIMEAARLEHHHHHH
;
_entity_poly.pdbx_strand_id   A
#
# COMPACT_ATOMS: atom_id res chain seq x y z
N GLU A 6 15.62 -25.16 14.92
CA GLU A 6 16.93 -25.80 14.95
C GLU A 6 17.92 -25.04 14.09
N VAL A 7 17.53 -24.79 12.84
CA VAL A 7 18.36 -24.03 11.91
C VAL A 7 18.01 -22.55 12.04
N LEU A 8 16.82 -22.27 12.57
CA LEU A 8 16.41 -20.89 12.83
C LEU A 8 17.39 -20.24 13.81
N PHE A 9 17.85 -21.01 14.79
CA PHE A 9 18.86 -20.53 15.74
C PHE A 9 20.18 -20.20 15.03
N GLY A 10 20.56 -21.04 14.07
CA GLY A 10 21.79 -20.80 13.32
C GLY A 10 21.69 -19.53 12.49
N ILE A 11 20.57 -19.38 11.81
CA ILE A 11 20.27 -18.17 11.05
C ILE A 11 20.40 -16.94 11.92
N ALA A 12 19.79 -17.00 13.10
CA ALA A 12 19.76 -15.86 14.00
C ALA A 12 21.18 -15.45 14.40
N SER A 13 22.09 -16.43 14.47
CA SER A 13 23.49 -16.16 14.81
C SER A 13 24.19 -15.28 13.76
N HIS A 14 23.59 -15.18 12.57
CA HIS A 14 24.15 -14.33 11.51
C HIS A 14 23.99 -12.83 11.78
N PHE A 15 23.12 -12.47 12.72
CA PHE A 15 22.82 -11.06 12.94
C PHE A 15 23.34 -10.55 14.30
N ALA A 16 23.66 -9.26 14.37
CA ALA A 16 24.19 -8.64 15.57
C ALA A 16 23.11 -8.31 16.60
N LEU A 17 22.42 -9.34 17.09
CA LEU A 17 21.40 -9.14 18.11
C LEU A 17 22.06 -8.67 19.40
N GLU A 18 21.29 -8.03 20.29
CA GLU A 18 21.89 -7.45 21.49
C GLU A 18 21.46 -8.17 22.76
N GLY A 19 21.11 -9.44 22.60
CA GLY A 19 20.75 -10.32 23.70
C GLY A 19 20.92 -11.77 23.26
N ALA A 20 21.09 -12.66 24.23
CA ALA A 20 21.21 -14.08 23.92
C ALA A 20 19.84 -14.63 23.52
N VAL A 21 19.80 -15.35 22.41
CA VAL A 21 18.52 -15.88 21.91
C VAL A 21 18.05 -17.01 22.81
N THR A 22 16.77 -16.98 23.19
CA THR A 22 16.21 -18.02 24.04
C THR A 22 14.93 -18.59 23.47
N GLY A 23 14.54 -18.14 22.28
CA GLY A 23 13.32 -18.61 21.66
C GLY A 23 13.09 -18.04 20.28
N ILE A 24 12.52 -18.86 19.40
CA ILE A 24 12.16 -18.45 18.05
C ILE A 24 10.93 -19.24 17.59
N GLU A 25 9.84 -18.53 17.31
CA GLU A 25 8.66 -19.17 16.75
C GLU A 25 7.99 -18.27 15.72
N PRO A 26 7.10 -18.85 14.92
CA PRO A 26 6.34 -18.17 13.86
C PRO A 26 5.45 -17.04 14.39
N TYR A 27 5.25 -16.01 13.57
CA TYR A 27 4.55 -14.81 14.01
C TYR A 27 3.92 -14.06 12.84
N GLY A 28 2.67 -13.63 13.01
CA GLY A 28 2.06 -12.71 12.05
C GLY A 28 0.91 -13.25 11.22
N ASP A 29 0.22 -12.32 10.55
CA ASP A 29 -0.89 -12.63 9.65
C ASP A 29 -0.42 -12.55 8.19
N GLY A 30 0.77 -11.98 7.99
CA GLY A 30 1.30 -11.73 6.67
C GLY A 30 1.35 -12.95 5.74
N HIS A 31 1.20 -12.68 4.44
CA HIS A 31 1.13 -13.71 3.43
C HIS A 31 2.45 -13.89 2.67
N ILE A 32 3.12 -12.77 2.37
CA ILE A 32 4.24 -12.75 1.44
C ILE A 32 5.60 -13.14 2.04
N ASN A 33 5.95 -12.57 3.19
CA ASN A 33 7.16 -12.97 3.90
C ASN A 33 6.87 -14.13 4.85
N THR A 34 7.93 -14.82 5.29
CA THR A 34 7.81 -15.79 6.38
C THR A 34 8.43 -15.20 7.64
N THR A 35 7.60 -14.91 8.63
CA THR A 35 8.03 -14.12 9.78
C THR A 35 8.19 -14.93 11.08
N TYR A 36 9.27 -14.64 11.81
CA TYR A 36 9.53 -15.29 13.09
C TYR A 36 9.76 -14.24 14.18
N LEU A 37 9.32 -14.54 15.40
CA LEU A 37 9.58 -13.68 16.55
C LEU A 37 10.78 -14.24 17.33
N VAL A 38 11.79 -13.39 17.54
CA VAL A 38 12.98 -13.82 18.28
C VAL A 38 13.03 -13.18 19.66
N THR A 39 12.93 -14.02 20.70
CA THR A 39 13.08 -13.58 22.08
C THR A 39 14.52 -13.79 22.54
N THR A 40 15.04 -12.82 23.28
CA THR A 40 16.39 -12.92 23.83
C THR A 40 16.39 -12.56 25.31
N ASP A 41 17.53 -12.70 25.98
CA ASP A 41 17.65 -12.18 27.33
C ASP A 41 17.69 -10.66 27.24
N GLY A 42 16.57 -10.08 26.82
CA GLY A 42 16.49 -8.66 26.58
C GLY A 42 15.52 -8.33 25.46
N PRO A 43 15.97 -7.52 24.49
CA PRO A 43 15.05 -7.04 23.45
C PRO A 43 14.57 -8.15 22.53
N ARG A 44 13.47 -7.92 21.83
CA ARG A 44 12.91 -8.90 20.93
C ARG A 44 13.03 -8.44 19.48
N TYR A 45 13.01 -9.40 18.55
CA TYR A 45 13.28 -9.10 17.15
C TYR A 45 12.33 -9.77 16.16
N ILE A 46 12.20 -9.16 14.99
CA ILE A 46 11.53 -9.83 13.87
C ILE A 46 12.59 -10.40 12.92
N LEU A 47 12.48 -11.68 12.62
CA LEU A 47 13.39 -12.33 11.69
C LEU A 47 12.55 -12.78 10.50
N GLN A 48 12.95 -12.33 9.31
CA GLN A 48 12.15 -12.65 8.14
C GLN A 48 12.98 -13.33 7.07
N GLN A 49 12.40 -14.37 6.46
CA GLN A 49 12.93 -14.87 5.21
C GLN A 49 12.14 -14.19 4.12
N MET A 50 12.84 -13.43 3.27
CA MET A 50 12.17 -12.64 2.24
C MET A 50 11.67 -13.46 1.06
N ASN A 51 10.59 -13.01 0.43
CA ASN A 51 10.06 -13.70 -0.74
C ASN A 51 10.92 -13.38 -1.96
N THR A 52 11.74 -14.33 -2.39
CA THR A 52 12.68 -14.11 -3.50
C THR A 52 12.06 -14.37 -4.88
N SER A 53 10.92 -15.07 -4.90
CA SER A 53 10.19 -15.26 -6.16
C SER A 53 9.54 -13.95 -6.60
N ILE A 54 8.84 -13.30 -5.68
CA ILE A 54 8.22 -12.00 -5.95
C ILE A 54 9.25 -10.88 -5.96
N PHE A 55 10.21 -10.96 -5.05
CA PHE A 55 11.23 -9.93 -4.92
C PHE A 55 12.63 -10.50 -5.16
N PRO A 56 12.93 -10.83 -6.43
CA PRO A 56 14.19 -11.48 -6.83
C PRO A 56 15.37 -10.56 -6.57
N ASP A 57 15.17 -9.25 -6.72
CA ASP A 57 16.25 -8.30 -6.51
C ASP A 57 16.31 -7.81 -5.06
N THR A 58 16.88 -8.64 -4.19
CA THR A 58 16.92 -8.33 -2.77
C THR A 58 17.77 -7.10 -2.48
N VAL A 59 18.88 -6.96 -3.21
CA VAL A 59 19.77 -5.83 -2.99
C VAL A 59 19.08 -4.48 -3.21
N ASN A 60 18.29 -4.38 -4.27
CA ASN A 60 17.55 -3.14 -4.54
C ASN A 60 16.43 -2.89 -3.52
N LEU A 61 15.64 -3.92 -3.26
CA LEU A 61 14.58 -3.84 -2.23
C LEU A 61 15.13 -3.34 -0.88
N MET A 62 16.18 -4.01 -0.39
CA MET A 62 16.76 -3.62 0.90
C MET A 62 17.39 -2.24 0.87
N ARG A 63 18.04 -1.89 -0.24
CA ARG A 63 18.56 -0.53 -0.41
C ARG A 63 17.44 0.50 -0.25
N ASN A 64 16.30 0.26 -0.91
CA ASN A 64 15.14 1.15 -0.78
C ASN A 64 14.72 1.32 0.67
N VAL A 65 14.63 0.19 1.36
CA VAL A 65 14.23 0.20 2.77
C VAL A 65 15.26 0.93 3.63
N GLU A 66 16.53 0.69 3.35
CA GLU A 66 17.59 1.31 4.15
C GLU A 66 17.57 2.82 3.99
N LEU A 67 17.34 3.30 2.77
CA LEU A 67 17.28 4.73 2.50
C LEU A 67 16.13 5.40 3.24
N VAL A 68 14.95 4.80 3.20
CA VAL A 68 13.76 5.41 3.80
C VAL A 68 13.81 5.36 5.31
N THR A 69 14.17 4.21 5.86
CA THR A 69 14.27 4.07 7.31
C THR A 69 15.40 4.90 7.91
N SER A 70 16.55 4.97 7.23
CA SER A 70 17.63 5.84 7.69
C SER A 70 17.17 7.29 7.83
N THR A 71 16.40 7.77 6.85
CA THR A 71 15.93 9.15 6.87
C THR A 71 14.97 9.40 8.04
N LEU A 72 14.07 8.45 8.28
CA LEU A 72 13.12 8.60 9.37
C LEU A 72 13.81 8.55 10.73
N LYS A 73 14.74 7.60 10.89
CA LYS A 73 15.47 7.47 12.16
C LYS A 73 16.30 8.71 12.46
N ALA A 74 16.93 9.22 11.41
CA ALA A 74 17.72 10.45 11.51
C ALA A 74 16.90 11.57 12.15
N GLN A 75 15.60 11.58 11.86
CA GLN A 75 14.71 12.64 12.34
C GLN A 75 14.02 12.27 13.65
N GLY A 76 14.39 11.12 14.21
CA GLY A 76 13.78 10.65 15.44
C GLY A 76 12.39 10.04 15.26
N LYS A 77 12.13 9.50 14.08
CA LYS A 77 10.83 8.87 13.81
C LYS A 77 10.87 7.35 13.92
N GLU A 78 9.86 6.78 14.57
CA GLU A 78 9.75 5.34 14.72
C GLU A 78 9.47 4.66 13.37
N THR A 79 10.28 3.66 13.06
CA THR A 79 10.20 3.00 11.76
C THR A 79 10.80 1.61 11.93
N LEU A 80 10.90 0.86 10.84
CA LEU A 80 11.58 -0.43 10.91
C LEU A 80 13.06 -0.17 11.12
N ASP A 81 13.61 -0.79 12.17
CA ASP A 81 15.01 -0.62 12.51
C ASP A 81 15.75 -1.88 12.12
N ILE A 82 16.52 -1.80 11.03
CA ILE A 82 17.27 -2.95 10.51
C ILE A 82 18.40 -3.31 11.46
N VAL A 83 18.47 -4.59 11.84
CA VAL A 83 19.57 -5.11 12.67
C VAL A 83 20.58 -5.76 11.73
N PRO A 84 21.77 -5.15 11.60
CA PRO A 84 22.74 -5.59 10.57
C PRO A 84 23.27 -7.00 10.85
N THR A 85 23.85 -7.64 9.84
CA THR A 85 24.54 -8.91 10.03
C THR A 85 25.83 -8.65 10.79
N THR A 86 26.45 -9.72 11.26
CA THR A 86 27.74 -9.63 11.95
C THR A 86 28.83 -9.05 11.05
N SER A 87 28.56 -9.01 9.74
CA SER A 87 29.53 -8.44 8.80
C SER A 87 29.06 -7.07 8.31
N GLY A 88 27.93 -6.60 8.84
CA GLY A 88 27.49 -5.24 8.59
C GLY A 88 26.52 -5.06 7.42
N ALA A 89 26.03 -6.15 6.85
CA ALA A 89 25.06 -6.04 5.75
C ALA A 89 23.63 -5.87 6.32
N THR A 90 22.72 -5.41 5.47
CA THR A 90 21.33 -5.18 5.90
C THR A 90 20.49 -6.45 5.81
N TRP A 91 21.06 -7.49 5.22
CA TRP A 91 20.39 -8.78 5.10
C TRP A 91 21.45 -9.85 4.87
N ALA A 92 21.07 -11.11 5.05
CA ALA A 92 22.03 -12.21 4.95
C ALA A 92 21.54 -13.31 4.02
N GLU A 93 22.45 -13.84 3.20
CA GLU A 93 22.11 -14.98 2.37
C GLU A 93 22.49 -16.26 3.09
N ILE A 94 21.51 -17.14 3.23
CA ILE A 94 21.67 -18.36 4.00
C ILE A 94 21.04 -19.54 3.26
N ASP A 95 21.89 -20.27 2.52
CA ASP A 95 21.45 -21.43 1.75
C ASP A 95 20.49 -21.03 0.64
N GLY A 96 20.83 -19.97 -0.09
CA GLY A 96 20.01 -19.49 -1.18
C GLY A 96 18.82 -18.68 -0.71
N GLY A 97 18.59 -18.67 0.61
CA GLY A 97 17.48 -17.92 1.18
C GLY A 97 17.93 -16.57 1.70
N ALA A 98 17.09 -15.55 1.52
CA ALA A 98 17.41 -14.21 2.01
C ALA A 98 16.69 -13.89 3.32
N TRP A 99 17.46 -13.49 4.34
CA TRP A 99 16.97 -13.26 5.70
C TRP A 99 17.33 -11.86 6.18
N ARG A 100 16.49 -11.32 7.06
CA ARG A 100 16.71 -9.97 7.58
C ARG A 100 16.07 -9.87 8.96
N VAL A 101 16.53 -8.89 9.74
CA VAL A 101 16.06 -8.74 11.11
C VAL A 101 15.67 -7.30 11.39
N TYR A 102 14.49 -7.12 11.98
CA TYR A 102 14.06 -5.81 12.45
C TYR A 102 13.90 -5.88 13.96
N LYS A 103 14.18 -4.79 14.66
CA LYS A 103 13.81 -4.73 16.07
C LYS A 103 12.29 -4.88 16.14
N PHE A 104 11.80 -5.57 17.18
CA PHE A 104 10.38 -5.79 17.30
C PHE A 104 9.74 -4.50 17.83
N ILE A 105 8.78 -3.96 17.11
CA ILE A 105 8.11 -2.75 17.56
C ILE A 105 7.10 -3.12 18.66
N GLU A 106 7.43 -2.80 19.90
CA GLU A 106 6.67 -3.29 21.05
C GLU A 106 5.40 -2.48 21.33
N HIS A 107 4.47 -3.12 22.03
CA HIS A 107 3.29 -2.43 22.55
C HIS A 107 2.40 -1.83 21.46
N THR A 108 2.17 -2.60 20.39
CA THR A 108 1.29 -2.15 19.31
C THR A 108 0.14 -3.12 19.07
N VAL A 109 -0.84 -2.63 18.31
CA VAL A 109 -1.91 -3.45 17.76
C VAL A 109 -2.08 -3.01 16.31
N SER A 110 -2.77 -3.83 15.51
CA SER A 110 -3.09 -3.45 14.14
C SER A 110 -4.45 -4.01 13.75
N TYR A 111 -5.09 -3.39 12.76
CA TYR A 111 -6.42 -3.81 12.34
C TYR A 111 -6.34 -4.44 10.95
N ASN A 112 -7.26 -5.35 10.64
CA ASN A 112 -7.31 -5.96 9.32
C ASN A 112 -8.28 -5.20 8.44
N LEU A 113 -9.49 -5.01 8.94
CA LEU A 113 -10.51 -4.23 8.27
C LEU A 113 -10.63 -2.88 8.98
N VAL A 114 -11.17 -1.89 8.29
CA VAL A 114 -11.41 -0.58 8.91
C VAL A 114 -12.59 -0.73 9.86
N PRO A 115 -12.34 -0.61 11.18
CA PRO A 115 -13.37 -0.85 12.20
C PRO A 115 -14.34 0.31 12.37
N ASN A 116 -13.83 1.53 12.22
CA ASN A 116 -14.66 2.73 12.30
C ASN A 116 -13.87 3.91 11.74
N PRO A 117 -14.53 5.07 11.62
CA PRO A 117 -13.91 6.28 11.07
C PRO A 117 -12.73 6.80 11.89
N ASP A 118 -12.81 6.68 13.22
CA ASP A 118 -11.76 7.17 14.09
C ASP A 118 -10.42 6.47 13.84
N VAL A 119 -10.46 5.15 13.72
CA VAL A 119 -9.26 4.39 13.38
C VAL A 119 -8.78 4.72 11.95
N PHE A 120 -9.72 4.98 11.04
CA PHE A 120 -9.36 5.32 9.65
C PHE A 120 -8.66 6.67 9.61
N ARG A 121 -9.17 7.62 10.38
CA ARG A 121 -8.54 8.92 10.48
C ARG A 121 -7.12 8.74 10.96
N GLU A 122 -6.93 7.81 11.90
CA GLU A 122 -5.59 7.58 12.45
C GLU A 122 -4.69 6.94 11.40
N ALA A 123 -5.26 6.11 10.54
CA ALA A 123 -4.48 5.55 9.44
C ALA A 123 -4.01 6.69 8.55
N GLY A 124 -4.93 7.60 8.26
CA GLY A 124 -4.63 8.77 7.43
C GLY A 124 -3.51 9.60 8.02
N SER A 125 -3.55 9.86 9.33
CA SER A 125 -2.49 10.64 9.97
C SER A 125 -1.16 9.91 9.91
N ALA A 126 -1.21 8.59 10.06
CA ALA A 126 0.00 7.77 10.02
C ALA A 126 0.72 7.90 8.67
N PHE A 127 -0.04 7.80 7.57
CA PHE A 127 0.56 7.99 6.26
C PHE A 127 0.79 9.46 5.90
N GLY A 128 0.00 10.37 6.46
CA GLY A 128 0.29 11.78 6.24
C GLY A 128 1.61 12.15 6.92
N ASP A 129 1.82 11.56 8.09
CA ASP A 129 3.05 11.73 8.85
C ASP A 129 4.23 11.14 8.07
N PHE A 130 4.03 9.91 7.59
CA PHE A 130 5.02 9.21 6.79
C PHE A 130 5.47 10.10 5.64
N GLN A 131 4.52 10.62 4.88
CA GLN A 131 4.81 11.54 3.77
C GLN A 131 5.50 12.84 4.22
N ASN A 132 5.00 13.43 5.30
CA ASN A 132 5.54 14.69 5.80
C ASN A 132 7.05 14.60 6.01
N PHE A 133 7.47 13.57 6.74
CA PHE A 133 8.88 13.43 7.11
C PHE A 133 9.77 12.86 6.00
N LEU A 134 9.17 12.50 4.88
CA LEU A 134 9.91 12.09 3.69
C LEU A 134 9.80 13.17 2.62
N SER A 135 9.27 14.33 3.02
CA SER A 135 8.99 15.43 2.10
C SER A 135 10.24 15.98 1.42
N GLU A 136 11.38 15.87 2.11
CA GLU A 136 12.64 16.36 1.56
C GLU A 136 13.56 15.23 1.08
N PHE A 137 13.11 13.99 1.24
CA PHE A 137 13.83 12.85 0.69
C PHE A 137 13.71 12.86 -0.83
N ASP A 138 14.83 12.64 -1.54
CA ASP A 138 14.80 12.59 -3.00
C ASP A 138 14.28 11.22 -3.44
N ALA A 139 13.02 11.16 -3.81
CA ALA A 139 12.37 9.88 -4.13
C ALA A 139 12.96 9.18 -5.34
N SER A 140 13.62 9.94 -6.22
CA SER A 140 14.21 9.35 -7.42
C SER A 140 15.41 8.42 -7.12
N GLN A 141 15.86 8.38 -5.87
CA GLN A 141 16.94 7.47 -5.51
C GLN A 141 16.41 6.05 -5.40
N LEU A 142 15.10 5.92 -5.19
CA LEU A 142 14.47 4.62 -4.98
C LEU A 142 14.27 3.92 -6.31
N THR A 143 14.57 2.63 -6.34
CA THR A 143 14.35 1.85 -7.54
C THR A 143 12.89 1.37 -7.59
N GLU A 144 12.38 1.18 -8.80
CA GLU A 144 11.01 0.71 -8.98
C GLU A 144 10.97 -0.81 -8.82
N THR A 145 10.80 -1.26 -7.58
CA THR A 145 10.81 -2.68 -7.24
C THR A 145 9.81 -3.52 -8.04
N ILE A 146 8.61 -2.98 -8.22
CA ILE A 146 7.65 -3.61 -9.14
C ILE A 146 7.34 -2.61 -10.23
N ALA A 147 7.87 -2.86 -11.43
CA ALA A 147 7.80 -1.89 -12.52
C ALA A 147 6.36 -1.47 -12.83
N HIS A 148 6.13 -0.17 -13.00
CA HIS A 148 4.86 0.31 -13.51
C HIS A 148 3.71 -0.02 -12.58
N PHE A 149 3.99 -0.15 -11.28
CA PHE A 149 2.98 -0.66 -10.34
C PHE A 149 1.68 0.17 -10.31
N HIS A 150 1.79 1.49 -10.20
CA HIS A 150 0.61 2.35 -10.22
C HIS A 150 0.63 3.30 -11.43
N ASP A 151 1.25 2.80 -12.50
CA ASP A 151 1.23 3.45 -13.81
C ASP A 151 -0.05 2.98 -14.49
N THR A 152 -1.14 3.73 -14.29
CA THR A 152 -2.46 3.28 -14.73
C THR A 152 -2.59 3.13 -16.26
N PRO A 153 -2.00 4.05 -17.05
CA PRO A 153 -1.98 3.81 -18.49
C PRO A 153 -1.31 2.50 -18.85
N HIS A 154 -0.28 2.07 -18.11
CA HIS A 154 0.38 0.81 -18.41
C HIS A 154 -0.52 -0.37 -18.04
N ARG A 155 -1.21 -0.27 -16.91
CA ARG A 155 -2.17 -1.31 -16.52
C ARG A 155 -3.25 -1.45 -17.58
N PHE A 156 -3.69 -0.32 -18.12
CA PHE A 156 -4.77 -0.32 -19.12
C PHE A 156 -4.30 -1.00 -20.40
N GLU A 157 -3.06 -0.74 -20.79
CA GLU A 157 -2.48 -1.49 -21.90
C GLU A 157 -2.51 -2.99 -21.62
N ASP A 158 -2.06 -3.37 -20.42
CA ASP A 158 -2.14 -4.78 -19.99
C ASP A 158 -3.57 -5.29 -20.13
N PHE A 159 -4.52 -4.50 -19.66
CA PHE A 159 -5.93 -4.91 -19.71
C PHE A 159 -6.39 -5.08 -21.14
N LYS A 160 -6.00 -4.16 -22.02
CA LYS A 160 -6.40 -4.29 -23.42
C LYS A 160 -5.77 -5.51 -24.07
N ALA A 161 -4.58 -5.91 -23.62
CA ALA A 161 -3.96 -7.09 -24.18
C ALA A 161 -4.73 -8.33 -23.76
N ALA A 162 -5.13 -8.36 -22.48
CA ALA A 162 -5.90 -9.48 -21.94
C ALA A 162 -7.24 -9.57 -22.64
N LEU A 163 -7.85 -8.41 -22.87
CA LEU A 163 -9.12 -8.35 -23.58
C LEU A 163 -9.01 -8.84 -25.02
N ALA A 164 -8.02 -8.35 -25.75
CA ALA A 164 -7.84 -8.74 -27.16
C ALA A 164 -7.61 -10.25 -27.29
N ALA A 165 -6.83 -10.81 -26.37
CA ALA A 165 -6.53 -12.24 -26.39
C ALA A 165 -7.75 -13.08 -25.99
N ASP A 166 -8.53 -12.59 -25.02
CA ASP A 166 -9.76 -13.26 -24.58
C ASP A 166 -9.60 -14.78 -24.56
N LYS A 167 -8.55 -15.27 -23.89
CA LYS A 167 -8.16 -16.67 -24.01
C LYS A 167 -9.21 -17.67 -23.51
N LEU A 168 -9.99 -17.26 -22.51
CA LEU A 168 -11.02 -18.14 -21.95
C LEU A 168 -12.37 -17.89 -22.58
N GLY A 169 -12.42 -16.94 -23.51
CA GLY A 169 -13.69 -16.56 -24.11
C GLY A 169 -14.65 -16.00 -23.08
N ARG A 170 -14.09 -15.37 -22.05
CA ARG A 170 -14.91 -14.81 -20.97
C ARG A 170 -15.45 -13.41 -21.28
N ALA A 171 -14.84 -12.73 -22.25
CA ALA A 171 -15.24 -11.37 -22.62
C ALA A 171 -16.74 -11.25 -22.89
N ALA A 172 -17.30 -12.27 -23.52
CA ALA A 172 -18.72 -12.24 -23.91
C ALA A 172 -19.61 -12.08 -22.68
N ALA A 173 -19.14 -12.55 -21.54
CA ALA A 173 -19.94 -12.55 -20.31
C ALA A 173 -19.82 -11.27 -19.48
N CYS A 174 -18.91 -10.37 -19.86
CA CYS A 174 -18.64 -9.19 -19.03
C CYS A 174 -18.46 -7.91 -19.85
N GLN A 175 -19.30 -7.74 -20.86
CA GLN A 175 -19.23 -6.56 -21.72
C GLN A 175 -19.43 -5.22 -20.98
N PRO A 176 -20.38 -5.17 -20.04
CA PRO A 176 -20.60 -3.87 -19.39
C PRO A 176 -19.38 -3.47 -18.57
N GLU A 177 -18.73 -4.46 -17.95
CA GLU A 177 -17.52 -4.18 -17.19
C GLU A 177 -16.38 -3.75 -18.11
N ILE A 178 -16.21 -4.47 -19.21
CA ILE A 178 -15.26 -4.06 -20.25
C ILE A 178 -15.57 -2.64 -20.71
N ASP A 179 -16.81 -2.38 -21.09
CA ASP A 179 -17.15 -1.05 -21.61
C ASP A 179 -16.91 0.04 -20.59
N PHE A 180 -17.09 -0.27 -19.32
CA PHE A 180 -16.77 0.69 -18.27
C PHE A 180 -15.30 1.10 -18.32
N TYR A 181 -14.41 0.11 -18.40
CA TYR A 181 -12.98 0.44 -18.43
C TYR A 181 -12.56 1.12 -19.74
N LEU A 182 -13.07 0.62 -20.86
CA LEU A 182 -12.80 1.24 -22.16
C LEU A 182 -13.29 2.68 -22.20
N SER A 183 -14.50 2.93 -21.70
CA SER A 183 -15.06 4.29 -21.74
C SER A 183 -14.33 5.29 -20.84
N HIS A 184 -13.61 4.81 -19.82
CA HIS A 184 -12.88 5.72 -18.95
C HIS A 184 -11.44 5.96 -19.41
N ALA A 185 -11.12 5.58 -20.65
CA ALA A 185 -9.72 5.56 -21.12
C ALA A 185 -9.02 6.92 -21.03
N ASP A 186 -9.78 8.00 -21.13
CA ASP A 186 -9.17 9.32 -21.14
C ASP A 186 -8.75 9.79 -19.78
N GLN A 187 -9.08 9.04 -18.73
CA GLN A 187 -8.80 9.51 -17.36
C GLN A 187 -7.55 8.85 -16.73
N TYR A 188 -7.04 7.80 -17.36
CA TYR A 188 -6.03 6.95 -16.73
C TYR A 188 -4.66 7.62 -16.56
N ALA A 189 -4.37 8.60 -17.41
CA ALA A 189 -3.03 9.20 -17.45
C ALA A 189 -2.88 10.49 -16.64
N VAL A 190 -3.95 10.88 -15.93
CA VAL A 190 -3.94 12.15 -15.18
C VAL A 190 -2.75 12.33 -14.24
N VAL A 191 -2.48 11.33 -13.39
CA VAL A 191 -1.39 11.49 -12.43
C VAL A 191 0.00 11.22 -13.03
N MET A 192 0.11 10.20 -13.89
CA MET A 192 1.39 9.96 -14.57
C MET A 192 1.81 11.20 -15.37
N ASP A 193 0.86 11.83 -16.07
CA ASP A 193 1.15 13.04 -16.83
C ASP A 193 1.69 14.14 -15.93
N GLY A 194 1.05 14.33 -14.77
CA GLY A 194 1.49 15.34 -13.82
C GLY A 194 2.87 15.06 -13.22
N LEU A 195 3.20 13.78 -13.07
CA LEU A 195 4.51 13.42 -12.56
C LEU A 195 5.57 13.75 -13.61
N ARG A 196 5.27 13.46 -14.87
CA ARG A 196 6.21 13.68 -15.95
C ARG A 196 6.47 15.17 -16.24
N ASP A 197 5.45 16.00 -16.14
CA ASP A 197 5.60 17.44 -16.45
C ASP A 197 5.71 18.33 -15.21
N GLY A 198 6.03 17.73 -14.07
CA GLY A 198 6.36 18.49 -12.88
C GLY A 198 5.22 19.04 -12.05
N SER A 199 4.02 19.10 -12.62
CA SER A 199 2.86 19.65 -11.90
C SER A 199 2.52 18.84 -10.66
N ILE A 200 3.01 17.60 -10.63
CA ILE A 200 2.82 16.74 -9.46
C ILE A 200 4.15 16.24 -8.93
N PRO A 201 4.43 16.50 -7.64
CA PRO A 201 5.71 16.16 -6.99
C PRO A 201 5.98 14.67 -6.97
N LEU A 202 7.22 14.27 -7.27
CA LEU A 202 7.63 12.87 -7.10
C LEU A 202 7.89 12.70 -5.61
N ARG A 203 7.26 11.72 -5.00
CA ARG A 203 7.41 11.49 -3.57
C ARG A 203 7.66 10.03 -3.32
N VAL A 204 7.98 9.67 -2.08
CA VAL A 204 8.07 8.27 -1.70
C VAL A 204 6.66 7.69 -1.72
N THR A 205 6.51 6.48 -2.25
CA THR A 205 5.22 5.80 -2.16
C THR A 205 5.40 4.43 -1.51
N HIS A 206 4.41 4.04 -0.70
CA HIS A 206 4.50 2.81 0.09
C HIS A 206 3.90 1.65 -0.68
N ASN A 207 2.74 1.90 -1.31
CA ASN A 207 2.09 0.94 -2.21
C ASN A 207 1.40 -0.27 -1.59
N ASP A 208 1.42 -0.36 -0.27
CA ASP A 208 0.66 -1.40 0.42
C ASP A 208 0.06 -0.81 1.70
N THR A 209 -0.85 0.16 1.53
CA THR A 209 -1.29 1.00 2.63
C THR A 209 -2.38 0.38 3.52
N LYS A 210 -2.65 -0.91 3.31
CA LYS A 210 -3.60 -1.65 4.14
C LYS A 210 -3.29 -1.43 5.63
N LEU A 211 -4.32 -1.45 6.48
CA LEU A 211 -4.16 -1.14 7.93
C LEU A 211 -3.28 -2.13 8.68
N ASN A 212 -3.19 -3.36 8.18
CA ASN A 212 -2.34 -4.33 8.85
C ASN A 212 -0.86 -3.93 8.71
N ASN A 213 -0.61 -2.89 7.92
CA ASN A 213 0.77 -2.36 7.82
C ASN A 213 0.96 -1.08 8.62
N ILE A 214 -0.03 -0.75 9.45
CA ILE A 214 0.00 0.43 10.27
C ILE A 214 -0.07 0.02 11.74
N LEU A 215 1.04 0.17 12.46
CA LEU A 215 1.05 -0.20 13.87
C LEU A 215 0.54 0.97 14.69
N MET A 216 -0.43 0.72 15.56
CA MET A 216 -0.85 1.78 16.45
C MET A 216 -0.65 1.36 17.90
N ASP A 217 -0.56 2.34 18.79
CA ASP A 217 -0.17 2.04 20.16
C ASP A 217 -1.19 1.15 20.86
N ALA A 218 -0.71 0.12 21.55
CA ALA A 218 -1.60 -0.81 22.23
C ALA A 218 -2.47 -0.15 23.31
N THR A 219 -2.02 0.98 23.85
CA THR A 219 -2.84 1.68 24.85
C THR A 219 -3.60 2.89 24.30
N THR A 220 -2.90 3.80 23.62
CA THR A 220 -3.55 5.04 23.18
C THR A 220 -4.28 4.92 21.85
N GLY A 221 -3.92 3.91 21.06
CA GLY A 221 -4.50 3.76 19.74
C GLY A 221 -3.98 4.74 18.70
N LYS A 222 -3.00 5.56 19.07
CA LYS A 222 -2.37 6.50 18.13
C LYS A 222 -1.42 5.74 17.25
N ALA A 223 -1.37 6.14 15.97
CA ALA A 223 -0.41 5.57 15.01
C ALA A 223 1.00 5.57 15.62
N ARG A 224 1.72 4.46 15.46
CA ARG A 224 3.11 4.40 15.93
C ARG A 224 4.11 4.27 14.78
N ALA A 225 3.80 3.46 13.77
CA ALA A 225 4.77 3.26 12.67
C ALA A 225 4.17 2.58 11.44
N ILE A 226 4.78 2.86 10.30
CA ILE A 226 4.45 2.17 9.05
C ILE A 226 5.45 1.04 8.88
N ILE A 227 4.96 -0.16 8.60
CA ILE A 227 5.83 -1.30 8.43
C ILE A 227 5.63 -1.88 7.01
N ASP A 228 6.22 -3.05 6.77
CA ASP A 228 6.12 -3.71 5.46
C ASP A 228 6.55 -2.77 4.34
N LEU A 229 7.85 -2.46 4.29
CA LEU A 229 8.37 -1.44 3.40
C LEU A 229 8.89 -2.03 2.09
N ASP A 230 8.45 -3.24 1.76
CA ASP A 230 8.99 -3.97 0.61
C ASP A 230 8.64 -3.34 -0.73
N THR A 231 7.52 -2.64 -0.80
CA THR A 231 7.07 -2.08 -2.06
C THR A 231 7.29 -0.57 -2.16
N ILE A 232 8.18 -0.05 -1.31
CA ILE A 232 8.63 1.34 -1.37
C ILE A 232 9.15 1.69 -2.77
N MET A 233 8.64 2.76 -3.37
CA MET A 233 9.07 3.19 -4.72
C MET A 233 8.86 4.69 -4.91
N PRO A 234 9.45 5.26 -5.97
CA PRO A 234 9.08 6.62 -6.36
C PRO A 234 7.65 6.60 -6.91
N GLY A 235 6.95 7.74 -6.87
CA GLY A 235 5.62 7.83 -7.44
C GLY A 235 4.96 9.12 -6.95
N SER A 236 3.63 9.14 -6.97
CA SER A 236 2.90 10.25 -6.36
C SER A 236 2.25 9.75 -5.09
N MET A 237 2.19 10.60 -4.07
CA MET A 237 1.50 10.16 -2.86
C MET A 237 0.02 9.97 -3.15
N LEU A 238 -0.45 10.47 -4.30
CA LEU A 238 -1.83 10.21 -4.74
C LEU A 238 -2.05 8.72 -4.93
N PHE A 239 -1.00 7.99 -5.31
CA PHE A 239 -1.13 6.54 -5.48
C PHE A 239 -1.49 5.86 -4.16
N ASP A 240 -0.91 6.32 -3.04
CA ASP A 240 -1.18 5.74 -1.72
C ASP A 240 -2.50 6.23 -1.14
N PHE A 241 -2.72 7.54 -1.19
CA PHE A 241 -3.99 8.10 -0.75
C PHE A 241 -5.14 7.46 -1.53
N GLY A 242 -5.03 7.46 -2.87
CA GLY A 242 -6.10 6.94 -3.69
C GLY A 242 -6.44 5.49 -3.38
N ASP A 243 -5.42 4.68 -3.12
CA ASP A 243 -5.64 3.27 -2.84
C ASP A 243 -6.23 3.06 -1.45
N SER A 244 -5.80 3.87 -0.49
CA SER A 244 -6.39 3.80 0.83
C SER A 244 -7.89 4.12 0.76
N ILE A 245 -8.25 5.15 0.00
CA ILE A 245 -9.66 5.47 -0.19
C ILE A 245 -10.34 4.26 -0.80
N ARG A 246 -9.70 3.66 -1.79
CA ARG A 246 -10.30 2.54 -2.51
C ARG A 246 -10.80 1.44 -1.59
N PHE A 247 -9.90 0.89 -0.78
CA PHE A 247 -10.27 -0.21 0.10
C PHE A 247 -10.95 0.25 1.41
N GLY A 248 -10.54 1.42 1.91
CA GLY A 248 -10.91 1.84 3.26
C GLY A 248 -12.19 2.65 3.38
N ALA A 249 -12.53 3.37 2.31
CA ALA A 249 -13.76 4.18 2.31
C ALA A 249 -14.95 3.43 1.69
N SER A 250 -14.80 2.12 1.50
CA SER A 250 -15.92 1.29 1.08
C SER A 250 -16.64 0.68 2.28
N THR A 251 -17.95 0.50 2.15
CA THR A 251 -18.76 -0.07 3.20
C THR A 251 -18.72 -1.59 3.12
N ALA A 252 -17.98 -2.10 2.14
CA ALA A 252 -17.96 -3.53 1.90
C ALA A 252 -16.56 -4.02 1.51
N LEU A 253 -16.41 -5.34 1.44
CA LEU A 253 -15.17 -5.96 0.99
C LEU A 253 -15.05 -5.84 -0.51
N GLU A 254 -13.83 -6.02 -1.02
CA GLU A 254 -13.58 -6.00 -2.47
C GLU A 254 -14.42 -7.01 -3.22
N ASP A 255 -14.68 -8.16 -2.58
CA ASP A 255 -15.42 -9.24 -3.24
C ASP A 255 -16.82 -9.46 -2.68
N GLU A 256 -17.47 -8.38 -2.25
CA GLU A 256 -18.86 -8.45 -1.82
C GLU A 256 -19.79 -8.74 -3.00
N LYS A 257 -20.51 -9.86 -2.91
CA LYS A 257 -21.36 -10.30 -4.00
C LYS A 257 -22.61 -9.44 -4.12
N ASP A 258 -23.01 -8.85 -3.00
CA ASP A 258 -24.23 -8.05 -2.92
C ASP A 258 -23.93 -6.58 -3.20
N LEU A 259 -24.20 -6.13 -4.42
CA LEU A 259 -23.80 -4.78 -4.84
C LEU A 259 -24.58 -3.65 -4.17
N SER A 260 -25.75 -3.97 -3.64
CA SER A 260 -26.50 -2.98 -2.86
C SER A 260 -25.79 -2.70 -1.54
N LYS A 261 -24.88 -3.61 -1.18
CA LYS A 261 -24.13 -3.51 0.08
C LYS A 261 -22.83 -2.71 -0.08
N VAL A 262 -22.50 -2.36 -1.33
CA VAL A 262 -21.26 -1.63 -1.65
C VAL A 262 -21.52 -0.14 -1.89
N HIS A 263 -20.90 0.70 -1.06
CA HIS A 263 -21.01 2.15 -1.24
C HIS A 263 -19.69 2.86 -0.93
N PHE A 264 -19.48 3.98 -1.61
CA PHE A 264 -18.39 4.87 -1.28
C PHE A 264 -18.83 5.80 -0.16
N SER A 265 -18.20 5.70 1.01
CA SER A 265 -18.61 6.50 2.16
C SER A 265 -17.87 7.83 2.26
N THR A 266 -18.62 8.93 2.14
CA THR A 266 -18.00 10.26 2.27
C THR A 266 -17.52 10.48 3.70
N GLU A 267 -18.13 9.78 4.65
CA GLU A 267 -17.77 9.91 6.05
C GLU A 267 -16.38 9.32 6.30
N LEU A 268 -16.10 8.20 5.66
CA LEU A 268 -14.76 7.60 5.75
C LEU A 268 -13.76 8.43 4.93
N PHE A 269 -14.15 8.84 3.73
CA PHE A 269 -13.31 9.74 2.95
C PHE A 269 -12.86 10.94 3.79
N ARG A 270 -13.81 11.60 4.46
CA ARG A 270 -13.47 12.78 5.25
C ARG A 270 -12.52 12.42 6.37
N ALA A 271 -12.79 11.32 7.06
CA ALA A 271 -11.94 10.88 8.16
C ALA A 271 -10.51 10.66 7.72
N TYR A 272 -10.33 9.90 6.63
CA TYR A 272 -8.96 9.62 6.18
C TYR A 272 -8.32 10.94 5.79
N THR A 273 -9.09 11.78 5.11
CA THR A 273 -8.57 13.06 4.64
C THR A 273 -8.19 13.98 5.80
N GLU A 274 -8.98 13.95 6.88
CA GLU A 274 -8.68 14.76 8.07
C GLU A 274 -7.31 14.42 8.64
N GLY A 275 -7.06 13.13 8.84
CA GLY A 275 -5.78 12.70 9.38
C GLY A 275 -4.63 12.98 8.43
N PHE A 276 -4.85 12.71 7.15
CA PHE A 276 -3.76 12.77 6.17
C PHE A 276 -3.29 14.21 5.94
N VAL A 277 -4.24 15.06 5.55
CA VAL A 277 -3.97 16.48 5.30
C VAL A 277 -3.51 17.18 6.57
N GLY A 278 -4.07 16.76 7.70
CA GLY A 278 -3.70 17.32 8.98
C GLY A 278 -2.22 17.10 9.31
N GLU A 279 -1.60 16.09 8.69
CA GLU A 279 -0.19 15.85 8.93
C GLU A 279 0.65 16.37 7.77
N LEU A 280 0.01 16.64 6.64
CA LEU A 280 0.75 16.93 5.40
C LEU A 280 0.50 18.34 4.86
N ARG A 281 -0.21 19.16 5.63
CA ARG A 281 -0.66 20.46 5.13
C ARG A 281 0.49 21.38 4.71
N GLY A 282 1.62 21.26 5.40
CA GLY A 282 2.76 22.12 5.11
C GLY A 282 3.49 21.75 3.84
N SER A 283 3.14 20.60 3.27
CA SER A 283 3.89 20.06 2.14
C SER A 283 3.02 19.85 0.90
N ILE A 284 1.78 19.42 1.09
CA ILE A 284 0.88 19.11 -0.04
C ILE A 284 0.68 20.31 -0.97
N THR A 285 0.86 20.09 -2.28
CA THR A 285 0.68 21.17 -3.25
C THR A 285 -0.79 21.39 -3.59
N ALA A 286 -1.09 22.49 -4.28
CA ALA A 286 -2.47 22.79 -4.67
C ALA A 286 -2.96 21.80 -5.73
N ARG A 287 -2.10 21.45 -6.67
CA ARG A 287 -2.43 20.45 -7.68
C ARG A 287 -2.77 19.10 -7.00
N GLU A 288 -1.97 18.72 -6.01
CA GLU A 288 -2.16 17.48 -5.29
C GLU A 288 -3.48 17.48 -4.54
N ALA A 289 -3.74 18.56 -3.79
CA ALA A 289 -4.99 18.68 -3.04
C ALA A 289 -6.25 18.56 -3.91
N GLU A 290 -6.24 19.16 -5.08
CA GLU A 290 -7.43 19.15 -5.92
C GLU A 290 -7.63 17.82 -6.62
N LEU A 291 -6.60 16.97 -6.57
CA LEU A 291 -6.65 15.64 -7.17
C LEU A 291 -6.92 14.56 -6.11
N LEU A 292 -7.01 14.95 -4.85
CA LEU A 292 -7.29 14.01 -3.79
C LEU A 292 -8.54 13.16 -4.07
N PRO A 293 -9.68 13.82 -4.36
CA PRO A 293 -10.88 13.03 -4.65
C PRO A 293 -10.70 12.14 -5.87
N PHE A 294 -10.17 12.69 -6.97
CA PHE A 294 -10.00 11.88 -8.17
C PHE A 294 -9.02 10.71 -7.99
N SER A 295 -8.05 10.87 -7.10
CA SER A 295 -7.06 9.81 -6.89
C SER A 295 -7.77 8.54 -6.45
N GLY A 296 -8.83 8.71 -5.66
CA GLY A 296 -9.72 7.61 -5.30
C GLY A 296 -10.35 6.95 -6.53
N ASN A 297 -10.82 7.75 -7.48
CA ASN A 297 -11.35 7.20 -8.73
C ASN A 297 -10.28 6.39 -9.45
N LEU A 298 -9.13 7.03 -9.63
CA LEU A 298 -8.08 6.45 -10.47
C LEU A 298 -7.60 5.11 -9.94
N LEU A 299 -7.29 5.03 -8.64
CA LEU A 299 -6.71 3.80 -8.10
C LEU A 299 -7.73 2.69 -7.98
N THR A 300 -8.99 3.06 -7.81
CA THR A 300 -10.08 2.08 -7.82
C THR A 300 -10.31 1.51 -9.22
N MET A 301 -10.31 2.39 -10.22
CA MET A 301 -10.36 1.94 -11.61
C MET A 301 -9.15 1.09 -11.94
N GLU A 302 -7.98 1.46 -11.41
CA GLU A 302 -6.78 0.71 -11.73
C GLU A 302 -6.87 -0.67 -11.12
N CYS A 303 -7.33 -0.75 -9.88
CA CYS A 303 -7.44 -2.05 -9.24
C CYS A 303 -8.54 -2.85 -9.92
N GLY A 304 -9.63 -2.17 -10.27
CA GLY A 304 -10.75 -2.83 -10.94
C GLY A 304 -10.38 -3.44 -12.29
N MET A 305 -9.62 -2.71 -13.10
CA MET A 305 -9.26 -3.24 -14.42
C MET A 305 -8.27 -4.39 -14.26
N ARG A 306 -7.46 -4.36 -13.21
CA ARG A 306 -6.51 -5.46 -12.98
C ARG A 306 -7.26 -6.75 -12.67
N PHE A 307 -8.31 -6.64 -11.85
CA PHE A 307 -9.20 -7.76 -11.51
C PHE A 307 -9.89 -8.32 -12.76
N LEU A 308 -10.39 -7.43 -13.62
CA LEU A 308 -11.06 -7.87 -14.83
C LEU A 308 -10.07 -8.48 -15.83
N ALA A 309 -8.89 -7.88 -15.95
CA ALA A 309 -7.84 -8.44 -16.81
C ALA A 309 -7.49 -9.87 -16.34
N ASP A 310 -7.40 -10.05 -15.04
CA ASP A 310 -7.04 -11.36 -14.50
C ASP A 310 -8.15 -12.37 -14.80
N TYR A 311 -9.40 -11.94 -14.64
CA TYR A 311 -10.55 -12.78 -14.97
C TYR A 311 -10.47 -13.21 -16.43
N LEU A 312 -10.14 -12.26 -17.30
CA LEU A 312 -10.02 -12.54 -18.73
C LEU A 312 -8.79 -13.38 -19.07
N GLU A 313 -7.81 -13.43 -18.17
CA GLU A 313 -6.57 -14.19 -18.40
C GLU A 313 -6.55 -15.53 -17.66
N GLY A 314 -7.67 -15.88 -17.03
CA GLY A 314 -7.73 -17.13 -16.30
C GLY A 314 -7.19 -17.05 -14.88
N ASP A 315 -7.26 -15.85 -14.30
CA ASP A 315 -6.94 -15.64 -12.88
C ASP A 315 -5.56 -16.14 -12.51
N ILE A 316 -4.53 -15.55 -13.12
CA ILE A 316 -3.15 -15.98 -12.90
C ILE A 316 -2.37 -15.10 -11.93
N TYR A 317 -2.96 -13.96 -11.53
CA TYR A 317 -2.28 -13.03 -10.63
C TYR A 317 -2.85 -13.03 -9.21
N PHE A 318 -4.17 -12.87 -9.09
CA PHE A 318 -4.78 -12.90 -7.77
C PHE A 318 -5.28 -14.29 -7.45
N ALA A 319 -5.16 -14.69 -6.19
CA ALA A 319 -5.76 -15.94 -5.75
C ALA A 319 -7.27 -15.81 -5.88
N THR A 320 -7.92 -16.90 -6.28
CA THR A 320 -9.39 -16.95 -6.33
C THR A 320 -9.90 -18.18 -5.58
N LYS A 321 -11.19 -18.16 -5.26
CA LYS A 321 -11.81 -19.25 -4.51
C LYS A 321 -12.94 -19.85 -5.33
N TYR A 322 -13.30 -19.16 -6.40
CA TYR A 322 -14.28 -19.66 -7.36
C TYR A 322 -14.04 -18.96 -8.70
N PRO A 323 -14.70 -19.45 -9.76
CA PRO A 323 -14.41 -19.01 -11.13
C PRO A 323 -14.74 -17.55 -11.43
N GLU A 324 -15.84 -17.03 -10.91
CA GLU A 324 -16.25 -15.66 -11.22
C GLU A 324 -15.72 -14.65 -10.19
N HIS A 325 -14.79 -15.10 -9.35
CA HIS A 325 -14.32 -14.31 -8.22
C HIS A 325 -13.78 -12.94 -8.62
N ASN A 326 -12.88 -12.92 -9.60
CA ASN A 326 -12.28 -11.67 -10.06
C ASN A 326 -13.31 -10.75 -10.69
N LEU A 327 -14.36 -11.35 -11.24
CA LEU A 327 -15.44 -10.59 -11.84
C LEU A 327 -16.26 -9.93 -10.76
N VAL A 328 -16.49 -10.65 -9.67
CA VAL A 328 -17.23 -10.08 -8.56
C VAL A 328 -16.43 -8.94 -7.97
N ARG A 329 -15.10 -9.11 -7.89
CA ARG A 329 -14.24 -8.05 -7.37
C ARG A 329 -14.28 -6.82 -8.26
N THR A 330 -14.14 -7.02 -9.57
CA THR A 330 -14.11 -5.87 -10.46
C THR A 330 -15.41 -5.08 -10.34
N ARG A 331 -16.52 -5.79 -10.11
CA ARG A 331 -17.83 -5.12 -10.00
C ARG A 331 -17.98 -4.22 -8.76
N THR A 332 -17.37 -4.59 -7.63
CA THR A 332 -17.39 -3.68 -6.46
C THR A 332 -16.60 -2.43 -6.80
N GLN A 333 -15.48 -2.58 -7.50
CA GLN A 333 -14.64 -1.43 -7.82
C GLN A 333 -15.36 -0.46 -8.75
N ILE A 334 -16.06 -1.00 -9.75
CA ILE A 334 -16.90 -0.19 -10.62
C ILE A 334 -17.99 0.53 -9.82
N LYS A 335 -18.70 -0.20 -8.96
CA LYS A 335 -19.76 0.43 -8.17
C LYS A 335 -19.16 1.59 -7.35
N LEU A 336 -17.99 1.39 -6.76
CA LEU A 336 -17.37 2.45 -5.96
C LEU A 336 -16.99 3.68 -6.79
N VAL A 337 -16.38 3.45 -7.95
CA VAL A 337 -16.00 4.56 -8.82
C VAL A 337 -17.21 5.40 -9.21
N GLN A 338 -18.30 4.72 -9.58
CA GLN A 338 -19.50 5.45 -9.98
C GLN A 338 -20.03 6.31 -8.82
N GLU A 339 -20.00 5.80 -7.59
CA GLU A 339 -20.45 6.63 -6.46
C GLU A 339 -19.47 7.78 -6.20
N MET A 340 -18.18 7.53 -6.45
CA MET A 340 -17.18 8.59 -6.38
C MET A 340 -17.47 9.68 -7.40
N GLU A 341 -17.75 9.29 -8.63
CA GLU A 341 -18.11 10.24 -9.69
C GLU A 341 -19.36 11.05 -9.30
N GLN A 342 -20.34 10.39 -8.70
CA GLN A 342 -21.60 11.05 -8.38
C GLN A 342 -21.52 11.91 -7.13
N LYS A 343 -20.47 11.70 -6.34
CA LYS A 343 -20.31 12.46 -5.10
C LYS A 343 -19.15 13.44 -5.18
N ALA A 344 -18.66 13.65 -6.39
CA ALA A 344 -17.57 14.60 -6.65
C ALA A 344 -17.79 15.96 -6.01
N SER A 345 -19.03 16.46 -6.05
CA SER A 345 -19.37 17.72 -5.40
C SER A 345 -19.04 17.65 -3.92
N GLU A 346 -19.59 16.64 -3.27
CA GLU A 346 -19.43 16.47 -1.84
C GLU A 346 -17.95 16.28 -1.47
N THR A 347 -17.22 15.50 -2.28
CA THR A 347 -15.82 15.24 -1.98
C THR A 347 -14.92 16.46 -2.20
N ARG A 348 -15.16 17.23 -3.27
CA ARG A 348 -14.36 18.44 -3.48
C ARG A 348 -14.55 19.42 -2.32
N ALA A 349 -15.78 19.51 -1.82
CA ALA A 349 -16.10 20.39 -0.70
C ALA A 349 -15.38 19.96 0.56
N ILE A 350 -15.38 18.65 0.81
CA ILE A 350 -14.74 18.09 1.99
C ILE A 350 -13.24 18.43 2.00
N VAL A 351 -12.58 18.21 0.87
CA VAL A 351 -11.16 18.50 0.76
C VAL A 351 -10.87 19.98 0.99
N ALA A 352 -11.62 20.85 0.31
CA ALA A 352 -11.45 22.30 0.45
C ALA A 352 -11.58 22.73 1.91
N ASP A 353 -12.57 22.16 2.60
CA ASP A 353 -12.82 22.48 4.01
C ASP A 353 -11.67 22.00 4.89
N ILE A 354 -11.24 20.78 4.66
CA ILE A 354 -10.14 20.22 5.46
C ILE A 354 -8.85 20.97 5.19
N MET A 355 -8.68 21.41 3.94
CA MET A 355 -7.47 22.15 3.57
C MET A 355 -7.37 23.49 4.29
N GLU A 356 -8.50 24.17 4.51
CA GLU A 356 -8.45 25.41 5.27
C GLU A 356 -8.35 25.16 6.77
N ALA A 357 -9.10 24.19 7.27
CA ALA A 357 -9.01 23.80 8.69
C ALA A 357 -7.56 23.51 9.11
N ALA A 358 -6.84 22.79 8.25
CA ALA A 358 -5.42 22.52 8.49
C ALA A 358 -4.58 23.78 8.27
N ARG A 359 -5.09 24.67 7.44
CA ARG A 359 -4.59 26.06 7.35
C ARG A 359 -3.12 26.18 6.94
#